data_2E3A
#
_entry.id   2E3A
#
_cell.length_a   73.770
_cell.length_b   73.770
_cell.length_c   115.800
_cell.angle_alpha   90.00
_cell.angle_beta   90.00
_cell.angle_gamma   90.00
#
_symmetry.space_group_name_H-M   'P 42 21 2'
#
loop_
_entity.id
_entity.type
_entity.pdbx_description
1 polymer Peroxidase
2 branched 2-acetamido-2-deoxy-beta-D-glucopyranose-(1-4)-2-acetamido-2-deoxy-beta-D-glucopyranose
3 non-polymer alpha-D-mannopyranose
4 non-polymer 'CALCIUM ION'
5 non-polymer 'PROTOPORPHYRIN IX CONTAINING FE'
6 non-polymer 'NITRIC OXIDE'
7 water water
#
_entity_poly.entity_id   1
_entity_poly.type   'polypeptide(L)'
_entity_poly.pdbx_seq_one_letter_code
;QGPGGGGGSVTCPGGQSTSNSQCCVWFDVLDDLQTNFYQGSKCESPVRKILRIVFHDAIGFSPALTAAGQFGGGGADGSI
IAHSNIELAFPANGGLTDTIEALRAVGINHGVSFGDLIQFATAVGMSNCPGSPRLEFLTGRSNSSQPSPPSLIPGPGNTV
TAILDRMGDAGFSPDEVVDLLAAHSLASQEGLNSAIFRSPLDSTPQVFDTQFYIETLLKGTTQPGPSLGFAEELSPFPGE
FRMRSDALLARDSRTACRWQSMTSSNEVMGQRYRAAMAKMSVLGFDRNALTDCSDVIPSAVSNNAAPVIPGGLTVDDIEV
SCPSEPFPEIATASGPLPSLAPAP
;
_entity_poly.pdbx_strand_id   A
#
loop_
_chem_comp.id
_chem_comp.type
_chem_comp.name
_chem_comp.formula
CA non-polymer 'CALCIUM ION' 'Ca 2'
HEM non-polymer 'PROTOPORPHYRIN IX CONTAINING FE' 'C34 H32 Fe N4 O4'
MAN D-saccharide, alpha linking alpha-D-mannopyranose 'C6 H12 O6'
NAG D-saccharide, beta linking 2-acetamido-2-deoxy-beta-D-glucopyranose 'C8 H15 N O6'
NO non-polymer 'NITRIC OXIDE' 'N O'
#
# COMPACT_ATOMS: atom_id res chain seq x y z
N SER A 9 13.47 12.51 25.96
CA SER A 9 14.82 12.37 26.48
C SER A 9 15.72 13.44 25.85
N VAL A 10 15.80 13.25 24.54
CA VAL A 10 16.56 14.11 23.65
C VAL A 10 15.69 15.27 23.20
N THR A 11 16.29 16.45 23.22
CA THR A 11 15.60 17.63 22.69
C THR A 11 16.28 18.06 21.40
N CYS A 12 15.50 18.04 20.31
CA CYS A 12 16.18 18.48 19.08
C CYS A 12 16.11 19.99 19.11
N PRO A 13 16.93 20.67 18.33
CA PRO A 13 16.78 22.12 18.15
C PRO A 13 15.36 22.66 18.12
N GLY A 14 14.43 22.10 17.37
CA GLY A 14 13.09 22.61 17.17
C GLY A 14 12.16 22.55 18.35
N GLY A 15 12.51 21.86 19.44
CA GLY A 15 11.65 21.93 20.61
C GLY A 15 10.90 20.65 20.93
N GLN A 16 10.96 19.80 19.96
CA GLN A 16 10.88 18.46 19.55
C GLN A 16 11.49 17.52 20.60
N SER A 17 10.66 16.75 21.29
CA SER A 17 11.04 15.68 22.21
C SER A 17 11.09 14.36 21.46
N THR A 18 12.19 13.63 21.57
CA THR A 18 12.35 12.36 20.89
C THR A 18 13.25 11.46 21.73
N SER A 19 13.26 10.22 21.30
CA SER A 19 13.93 9.08 21.91
C SER A 19 15.41 9.03 21.61
N ASN A 20 15.84 9.61 20.53
CA ASN A 20 17.23 9.41 20.07
C ASN A 20 17.63 10.54 19.16
N SER A 21 18.89 10.98 19.27
CA SER A 21 19.23 12.12 18.42
C SER A 21 19.21 11.73 16.96
N GLN A 22 19.25 10.45 16.62
CA GLN A 22 19.18 10.08 15.21
C GLN A 22 17.82 10.41 14.61
N CYS A 23 16.85 10.65 15.48
CA CYS A 23 15.52 11.05 14.99
C CYS A 23 15.43 12.50 14.63
N CYS A 24 16.30 13.37 15.06
CA CYS A 24 16.12 14.83 14.90
C CYS A 24 16.06 15.23 13.44
N VAL A 25 16.87 14.62 12.57
CA VAL A 25 16.85 15.04 11.17
C VAL A 25 15.48 14.81 10.55
N TRP A 26 14.75 13.82 11.03
CA TRP A 26 13.48 13.42 10.43
C TRP A 26 12.42 14.46 10.72
N PHE A 27 12.54 15.32 11.74
CA PHE A 27 11.52 16.35 11.92
C PHE A 27 11.59 17.34 10.75
N ASP A 28 12.79 17.61 10.22
CA ASP A 28 12.85 18.52 9.07
C ASP A 28 12.29 17.89 7.81
N VAL A 29 12.59 16.58 7.65
CA VAL A 29 12.03 15.82 6.54
C VAL A 29 10.50 15.80 6.65
N LEU A 30 9.97 15.64 7.85
CA LEU A 30 8.51 15.68 8.07
C LEU A 30 7.91 16.98 7.57
N ASP A 31 8.51 18.10 8.00
CA ASP A 31 7.98 19.42 7.60
C ASP A 31 7.99 19.62 6.09
N ASP A 32 9.09 19.21 5.48
CA ASP A 32 9.25 19.36 4.03
C ASP A 32 8.21 18.52 3.33
N LEU A 33 8.14 17.23 3.64
CA LEU A 33 7.17 16.36 3.00
C LEU A 33 5.75 16.87 3.21
N GLN A 34 5.40 17.33 4.38
CA GLN A 34 4.01 17.73 4.66
C GLN A 34 3.68 18.98 3.89
N THR A 35 4.57 19.94 3.80
CA THR A 35 4.29 21.16 3.07
C THR A 35 4.25 20.97 1.56
N ASN A 36 5.24 20.20 1.08
CA ASN A 36 5.54 20.16 -0.35
C ASN A 36 5.03 18.86 -0.95
N PHE A 37 5.70 17.74 -0.72
CA PHE A 37 5.27 16.46 -1.32
C PHE A 37 3.80 16.15 -1.10
N TYR A 38 3.31 16.43 0.09
CA TYR A 38 1.92 16.13 0.48
C TYR A 38 1.03 17.35 0.38
N GLN A 39 1.53 18.48 -0.06
CA GLN A 39 0.72 19.65 -0.44
C GLN A 39 -0.21 20.09 0.68
N GLY A 40 0.34 20.11 1.89
CA GLY A 40 -0.41 20.50 3.06
C GLY A 40 -1.02 19.34 3.81
N SER A 41 -0.24 18.28 4.00
CA SER A 41 -0.61 17.10 4.77
C SER A 41 -1.84 16.39 4.23
N LYS A 42 -2.03 16.32 2.93
CA LYS A 42 -3.20 15.70 2.33
C LYS A 42 -2.99 14.22 2.03
N CYS A 43 -4.08 13.53 1.82
CA CYS A 43 -4.18 12.11 1.47
C CYS A 43 -4.71 11.93 0.06
N GLU A 44 -3.84 12.21 -0.90
CA GLU A 44 -4.18 12.24 -2.33
C GLU A 44 -3.18 11.42 -3.13
N SER A 45 -2.99 11.71 -4.43
CA SER A 45 -2.14 10.91 -5.25
C SER A 45 -0.75 10.72 -4.67
N PRO A 46 -0.07 11.72 -4.14
CA PRO A 46 1.30 11.46 -3.58
C PRO A 46 1.37 10.29 -2.62
N VAL A 47 0.44 10.17 -1.64
CA VAL A 47 0.42 9.04 -0.72
C VAL A 47 0.30 7.73 -1.48
N ARG A 48 -0.62 7.71 -2.45
CA ARG A 48 -0.89 6.47 -3.17
C ARG A 48 0.31 6.01 -3.98
N LYS A 49 0.97 6.96 -4.62
CA LYS A 49 2.17 6.64 -5.37
C LYS A 49 3.28 6.16 -4.43
N ILE A 50 3.43 6.81 -3.27
CA ILE A 50 4.43 6.35 -2.30
C ILE A 50 4.16 4.95 -1.81
N LEU A 51 2.91 4.57 -1.67
CA LEU A 51 2.59 3.20 -1.24
C LEU A 51 2.99 2.21 -2.33
N ARG A 52 2.76 2.48 -3.61
CA ARG A 52 3.31 1.65 -4.67
C ARG A 52 4.83 1.56 -4.57
N ILE A 53 5.47 2.70 -4.31
CA ILE A 53 6.92 2.73 -4.23
C ILE A 53 7.48 1.95 -3.06
N VAL A 54 6.83 1.97 -1.91
CA VAL A 54 7.36 1.26 -0.75
C VAL A 54 7.31 -0.24 -0.99
N PHE A 55 6.23 -0.71 -1.56
CA PHE A 55 6.08 -2.10 -1.91
C PHE A 55 7.09 -2.47 -2.98
N HIS A 56 7.21 -1.69 -4.04
CA HIS A 56 8.10 -2.08 -5.13
C HIS A 56 9.56 -1.89 -4.82
N ASP A 57 9.89 -1.06 -3.83
CA ASP A 57 11.26 -1.06 -3.31
C ASP A 57 11.52 -2.32 -2.49
N ALA A 58 10.69 -2.64 -1.52
CA ALA A 58 10.94 -3.71 -0.58
C ALA A 58 10.88 -5.10 -1.20
N ILE A 59 9.98 -5.29 -2.16
CA ILE A 59 9.69 -6.62 -2.68
C ILE A 59 10.81 -7.07 -3.60
N GLY A 60 11.76 -6.20 -3.95
CA GLY A 60 12.91 -6.67 -4.73
C GLY A 60 13.92 -7.31 -3.78
N PHE A 61 13.49 -8.51 -3.38
CA PHE A 61 14.19 -9.29 -2.36
C PHE A 61 13.77 -10.73 -2.63
N SER A 62 14.73 -11.59 -2.91
CA SER A 62 14.47 -12.97 -3.29
C SER A 62 15.48 -13.94 -2.71
N PRO A 63 15.18 -14.52 -1.54
CA PRO A 63 16.00 -15.64 -1.05
C PRO A 63 16.15 -16.74 -2.09
N ALA A 64 15.16 -17.00 -2.97
CA ALA A 64 15.36 -18.09 -3.91
C ALA A 64 16.46 -17.78 -4.91
N LEU A 65 16.65 -16.53 -5.29
CA LEU A 65 17.72 -16.14 -6.19
C LEU A 65 19.04 -16.29 -5.45
N THR A 66 19.11 -15.80 -4.20
CA THR A 66 20.33 -15.93 -3.38
C THR A 66 20.71 -17.41 -3.32
N ALA A 67 19.79 -18.34 -3.14
CA ALA A 67 20.02 -19.77 -2.96
C ALA A 67 20.47 -20.42 -4.25
N ALA A 68 20.19 -19.73 -5.35
CA ALA A 68 20.57 -20.17 -6.69
C ALA A 68 21.78 -19.41 -7.18
N GLY A 69 22.62 -18.94 -6.26
CA GLY A 69 23.92 -18.36 -6.59
C GLY A 69 23.85 -16.98 -7.18
N GLN A 70 22.76 -16.23 -7.06
CA GLN A 70 22.58 -14.97 -7.75
C GLN A 70 22.19 -13.86 -6.79
N PHE A 71 22.42 -12.60 -7.09
CA PHE A 71 21.94 -11.51 -6.29
C PHE A 71 20.44 -11.48 -6.30
N GLY A 72 19.83 -11.48 -5.11
CA GLY A 72 18.39 -11.54 -5.01
C GLY A 72 17.73 -10.22 -4.82
N GLY A 73 18.48 -9.14 -4.68
CA GLY A 73 17.94 -7.85 -4.27
C GLY A 73 18.17 -7.51 -2.81
N GLY A 74 18.25 -6.22 -2.51
CA GLY A 74 18.50 -5.75 -1.19
C GLY A 74 17.29 -5.30 -0.41
N GLY A 75 16.09 -5.56 -0.92
CA GLY A 75 14.89 -5.24 -0.11
C GLY A 75 14.63 -3.73 -0.07
N ALA A 76 14.36 -3.25 1.12
CA ALA A 76 13.96 -1.87 1.41
C ALA A 76 15.14 -0.90 1.35
N ASP A 77 15.89 -0.96 0.27
CA ASP A 77 17.22 -0.36 0.17
C ASP A 77 17.24 0.92 -0.62
N GLY A 78 16.07 1.41 -1.05
CA GLY A 78 16.08 2.65 -1.86
C GLY A 78 16.50 2.42 -3.29
N SER A 79 16.66 1.18 -3.73
CA SER A 79 17.13 0.90 -5.07
C SER A 79 16.23 1.42 -6.19
N ILE A 80 14.94 1.50 -5.88
CA ILE A 80 13.98 1.98 -6.86
C ILE A 80 14.29 3.46 -7.17
N ILE A 81 14.89 4.20 -6.23
CA ILE A 81 15.37 5.56 -6.50
C ILE A 81 16.78 5.56 -7.01
N ALA A 82 17.70 4.94 -6.28
CA ALA A 82 19.10 4.99 -6.71
C ALA A 82 19.34 4.44 -8.10
N HIS A 83 18.59 3.42 -8.43
CA HIS A 83 18.68 2.73 -9.68
C HIS A 83 17.36 2.81 -10.44
N SER A 84 16.75 3.95 -10.39
CA SER A 84 15.49 4.20 -11.05
C SER A 84 15.62 3.99 -12.56
N ASN A 85 16.77 4.26 -13.14
CA ASN A 85 16.95 4.06 -14.59
C ASN A 85 16.61 2.64 -14.97
N ILE A 86 17.05 1.67 -14.18
CA ILE A 86 16.77 0.25 -14.39
C ILE A 86 15.39 -0.12 -13.87
N GLU A 87 15.05 0.23 -12.63
CA GLU A 87 13.83 -0.33 -12.09
C GLU A 87 12.57 0.29 -12.67
N LEU A 88 12.62 1.54 -13.12
CA LEU A 88 11.37 2.11 -13.64
C LEU A 88 11.07 1.63 -15.04
N ALA A 89 11.87 0.77 -15.61
CA ALA A 89 11.59 0.05 -16.84
C ALA A 89 10.83 -1.24 -16.53
N PHE A 90 10.67 -1.68 -15.28
CA PHE A 90 9.93 -2.89 -14.99
C PHE A 90 8.44 -2.65 -15.27
N PRO A 91 7.71 -3.69 -15.69
CA PRO A 91 6.28 -3.54 -15.99
C PRO A 91 5.46 -2.88 -14.91
N ALA A 92 5.74 -3.13 -13.62
CA ALA A 92 4.95 -2.70 -12.50
C ALA A 92 5.34 -1.30 -12.00
N ASN A 93 6.37 -0.72 -12.60
CA ASN A 93 6.91 0.52 -12.07
C ASN A 93 6.60 1.73 -12.95
N GLY A 94 5.58 1.67 -13.77
CA GLY A 94 5.10 2.78 -14.57
C GLY A 94 4.35 3.79 -13.71
N GLY A 95 4.38 5.03 -14.18
CA GLY A 95 3.63 6.06 -13.48
C GLY A 95 4.20 6.45 -12.12
N LEU A 96 5.49 6.16 -11.93
CA LEU A 96 6.16 6.46 -10.69
C LEU A 96 7.31 7.45 -10.79
N THR A 97 7.93 7.60 -11.95
CA THR A 97 9.11 8.46 -12.07
C THR A 97 8.87 9.86 -11.52
N ASP A 98 7.72 10.50 -11.74
CA ASP A 98 7.57 11.86 -11.21
C ASP A 98 7.64 11.90 -9.69
N THR A 99 7.10 10.90 -9.05
CA THR A 99 7.15 10.75 -7.60
C THR A 99 8.54 10.41 -7.11
N ILE A 100 9.21 9.47 -7.84
CA ILE A 100 10.58 9.09 -7.52
C ILE A 100 11.52 10.30 -7.56
N GLU A 101 11.32 11.17 -8.55
CA GLU A 101 12.19 12.33 -8.64
C GLU A 101 11.96 13.28 -7.48
N ALA A 102 10.71 13.42 -7.03
CA ALA A 102 10.44 14.28 -5.89
C ALA A 102 11.16 13.74 -4.66
N LEU A 103 11.07 12.41 -4.46
CA LEU A 103 11.72 11.77 -3.32
C LEU A 103 13.24 11.90 -3.40
N ARG A 104 13.81 11.76 -4.59
CA ARG A 104 15.25 11.85 -4.81
C ARG A 104 15.73 13.19 -4.27
N ALA A 105 15.02 14.26 -4.64
CA ALA A 105 15.45 15.59 -4.20
C ALA A 105 15.35 15.76 -2.71
N VAL A 106 14.30 15.26 -2.08
CA VAL A 106 14.17 15.35 -0.62
C VAL A 106 15.29 14.60 0.10
N GLY A 107 15.59 13.39 -0.39
CA GLY A 107 16.65 12.57 0.20
C GLY A 107 18.00 13.28 0.12
N ILE A 108 18.34 13.81 -1.03
CA ILE A 108 19.61 14.50 -1.18
C ILE A 108 19.69 15.75 -0.34
N ASN A 109 18.59 16.53 -0.29
CA ASN A 109 18.59 17.80 0.41
C ASN A 109 18.75 17.59 1.92
N HIS A 110 18.09 16.57 2.47
CA HIS A 110 18.19 16.37 3.91
C HIS A 110 19.28 15.41 4.30
N GLY A 111 19.90 14.75 3.34
CA GLY A 111 21.00 13.86 3.63
C GLY A 111 20.55 12.64 4.38
N VAL A 112 19.47 11.98 3.98
CA VAL A 112 18.95 10.75 4.54
C VAL A 112 19.02 9.66 3.46
N SER A 113 19.08 8.40 3.90
CA SER A 113 19.17 7.35 2.90
C SER A 113 17.86 7.22 2.12
N PHE A 114 17.97 6.80 0.86
CA PHE A 114 16.77 6.63 0.06
C PHE A 114 15.86 5.56 0.63
N GLY A 115 16.41 4.48 1.17
CA GLY A 115 15.60 3.42 1.75
C GLY A 115 14.86 3.92 2.97
N ASP A 116 15.55 4.66 3.82
CA ASP A 116 14.84 5.20 4.98
C ASP A 116 13.77 6.21 4.55
N LEU A 117 14.09 7.03 3.55
CA LEU A 117 13.12 8.06 3.15
C LEU A 117 11.83 7.43 2.64
N ILE A 118 11.94 6.38 1.85
CA ILE A 118 10.73 5.77 1.33
C ILE A 118 9.86 5.28 2.48
N GLN A 119 10.46 4.63 3.48
CA GLN A 119 9.73 4.14 4.64
C GLN A 119 9.15 5.28 5.44
N PHE A 120 9.91 6.35 5.61
CA PHE A 120 9.42 7.50 6.33
C PHE A 120 8.25 8.15 5.63
N ALA A 121 8.41 8.38 4.32
CA ALA A 121 7.32 9.02 3.57
C ALA A 121 6.08 8.15 3.61
N THR A 122 6.25 6.85 3.66
CA THR A 122 5.10 5.94 3.80
C THR A 122 4.36 6.17 5.09
N ALA A 123 5.11 6.20 6.20
CA ALA A 123 4.49 6.40 7.50
C ALA A 123 3.85 7.78 7.58
N VAL A 124 4.53 8.81 7.08
CA VAL A 124 3.95 10.16 7.09
C VAL A 124 2.72 10.27 6.22
N GLY A 125 2.76 9.68 5.04
CA GLY A 125 1.63 9.74 4.12
C GLY A 125 0.42 9.02 4.75
N MET A 126 0.66 7.84 5.31
CA MET A 126 -0.42 7.08 5.92
C MET A 126 -1.06 7.96 6.99
N SER A 127 -0.25 8.72 7.74
CA SER A 127 -0.74 9.55 8.82
C SER A 127 -1.67 10.67 8.36
N ASN A 128 -1.71 10.92 7.06
CA ASN A 128 -2.57 11.96 6.51
C ASN A 128 -3.92 11.39 6.10
N CYS A 129 -4.09 10.07 6.17
CA CYS A 129 -5.28 9.38 5.66
C CYS A 129 -6.13 8.92 6.82
N PRO A 130 -7.32 9.49 6.94
CA PRO A 130 -8.20 9.09 8.03
C PRO A 130 -8.36 7.60 8.24
N GLY A 131 -8.28 7.22 9.53
CA GLY A 131 -8.40 5.81 9.83
C GLY A 131 -7.11 5.01 9.86
N SER A 132 -6.01 5.61 9.39
CA SER A 132 -4.77 4.83 9.37
C SER A 132 -4.26 4.51 10.76
N PRO A 133 -3.60 3.36 10.90
CA PRO A 133 -2.79 3.08 12.10
C PRO A 133 -1.54 3.95 12.05
N ARG A 134 -0.76 3.92 13.12
CA ARG A 134 0.48 4.61 13.23
C ARG A 134 1.60 3.67 12.79
N LEU A 135 2.11 3.84 11.59
CA LEU A 135 3.16 2.89 11.18
C LEU A 135 4.44 3.14 11.97
N GLU A 136 5.13 2.06 12.23
CA GLU A 136 6.49 2.15 12.76
C GLU A 136 7.40 2.88 11.79
N PHE A 137 8.38 3.58 12.34
CA PHE A 137 9.45 4.15 11.53
C PHE A 137 10.81 3.90 12.19
N LEU A 138 11.69 3.21 11.50
CA LEU A 138 13.06 2.96 11.88
C LEU A 138 14.02 3.63 10.91
N THR A 139 15.10 4.12 11.47
CA THR A 139 16.13 4.79 10.68
C THR A 139 17.46 4.06 10.81
N GLY A 140 18.27 4.17 9.72
CA GLY A 140 19.60 3.61 9.73
C GLY A 140 19.93 2.74 8.55
N ARG A 141 19.02 2.53 7.60
CA ARG A 141 19.33 1.66 6.47
C ARG A 141 20.40 2.35 5.63
N SER A 142 21.39 1.58 5.23
CA SER A 142 22.43 2.11 4.39
C SER A 142 21.84 2.73 3.13
N ASN A 143 22.43 3.79 2.61
CA ASN A 143 22.03 4.38 1.34
C ASN A 143 22.55 3.62 0.14
N SER A 144 23.42 2.66 0.36
CA SER A 144 24.02 1.87 -0.71
C SER A 144 23.07 0.84 -1.25
N SER A 145 22.89 0.70 -2.54
CA SER A 145 22.10 -0.37 -3.13
C SER A 145 22.62 -0.81 -4.49
N GLN A 146 22.25 -2.02 -4.87
CA GLN A 146 22.42 -2.52 -6.22
C GLN A 146 21.02 -2.54 -6.86
N PRO A 147 20.89 -2.57 -8.18
CA PRO A 147 19.55 -2.61 -8.78
C PRO A 147 18.82 -3.88 -8.37
N SER A 148 17.52 -3.77 -8.12
CA SER A 148 16.72 -4.99 -7.98
C SER A 148 16.83 -5.89 -9.20
N PRO A 149 16.88 -7.20 -9.03
CA PRO A 149 16.64 -8.10 -10.16
C PRO A 149 15.26 -7.79 -10.74
N PRO A 150 15.12 -8.12 -12.01
CA PRO A 150 13.80 -7.98 -12.67
C PRO A 150 12.85 -9.07 -12.20
N SER A 151 11.57 -8.89 -12.54
CA SER A 151 10.55 -9.92 -12.39
C SER A 151 10.24 -10.30 -10.94
N LEU A 152 10.45 -9.41 -9.97
CA LEU A 152 10.16 -9.68 -8.56
C LEU A 152 8.88 -9.01 -8.08
N ILE A 153 8.21 -8.18 -8.88
CA ILE A 153 7.02 -7.49 -8.43
C ILE A 153 5.80 -8.25 -8.94
N PRO A 154 4.91 -8.72 -8.09
CA PRO A 154 3.67 -9.35 -8.55
C PRO A 154 2.88 -8.41 -9.45
N GLY A 155 2.28 -9.00 -10.48
CA GLY A 155 1.49 -8.27 -11.47
C GLY A 155 0.01 -8.64 -11.39
N PRO A 156 -0.84 -7.72 -11.85
CA PRO A 156 -2.28 -7.89 -11.65
C PRO A 156 -2.92 -8.97 -12.52
N GLY A 157 -2.20 -9.44 -13.50
CA GLY A 157 -2.57 -10.58 -14.31
C GLY A 157 -1.95 -11.89 -13.85
N ASN A 158 -1.20 -11.89 -12.74
CA ASN A 158 -0.63 -13.11 -12.24
C ASN A 158 -1.68 -13.98 -11.55
N THR A 159 -1.54 -15.30 -11.61
CA THR A 159 -2.42 -16.17 -10.85
C THR A 159 -2.17 -15.99 -9.36
N VAL A 160 -3.12 -16.44 -8.55
CA VAL A 160 -2.97 -16.43 -7.10
C VAL A 160 -1.76 -17.28 -6.73
N THR A 161 -1.63 -18.48 -7.32
CA THR A 161 -0.45 -19.30 -7.08
C THR A 161 0.86 -18.55 -7.29
N ALA A 162 0.98 -17.83 -8.41
CA ALA A 162 2.19 -17.06 -8.70
C ALA A 162 2.41 -15.96 -7.69
N ILE A 163 1.35 -15.26 -7.33
CA ILE A 163 1.48 -14.15 -6.38
C ILE A 163 1.91 -14.67 -5.02
N LEU A 164 1.27 -15.75 -4.56
CA LEU A 164 1.62 -16.28 -3.25
C LEU A 164 3.03 -16.86 -3.28
N ASP A 165 3.45 -17.44 -4.39
CA ASP A 165 4.79 -18.00 -4.48
C ASP A 165 5.81 -16.87 -4.41
N ARG A 166 5.63 -15.78 -5.13
CA ARG A 166 6.57 -14.65 -5.14
C ARG A 166 6.61 -13.99 -3.77
N MET A 167 5.42 -13.70 -3.25
CA MET A 167 5.33 -13.04 -1.92
C MET A 167 5.92 -13.96 -0.88
N GLY A 168 5.66 -15.25 -1.01
CA GLY A 168 6.16 -16.26 -0.12
C GLY A 168 7.68 -16.30 -0.08
N ASP A 169 8.29 -16.27 -1.25
CA ASP A 169 9.75 -16.22 -1.34
C ASP A 169 10.25 -14.98 -0.61
N ALA A 170 9.64 -13.83 -0.82
CA ALA A 170 10.12 -12.62 -0.12
C ALA A 170 9.98 -12.74 1.37
N GLY A 171 9.08 -13.54 1.89
CA GLY A 171 8.89 -13.82 3.29
C GLY A 171 7.47 -13.74 3.79
N PHE A 172 6.45 -13.51 3.00
CA PHE A 172 5.11 -13.31 3.47
C PHE A 172 4.21 -14.53 3.32
N SER A 173 3.50 -14.85 4.39
CA SER A 173 2.45 -15.88 4.31
C SER A 173 1.25 -15.39 3.52
N PRO A 174 0.36 -16.28 3.08
CA PRO A 174 -0.88 -15.84 2.40
C PRO A 174 -1.67 -14.84 3.23
N ASP A 175 -1.81 -15.04 4.55
CA ASP A 175 -2.50 -14.05 5.36
C ASP A 175 -1.87 -12.65 5.23
N GLU A 176 -0.55 -12.61 5.24
CA GLU A 176 0.18 -11.34 5.22
C GLU A 176 0.04 -10.67 3.86
N VAL A 177 -0.14 -11.44 2.79
CA VAL A 177 -0.41 -10.84 1.47
C VAL A 177 -1.73 -10.09 1.54
N VAL A 178 -2.75 -10.75 2.11
CA VAL A 178 -4.05 -10.11 2.28
C VAL A 178 -3.93 -8.87 3.15
N ASP A 179 -3.16 -8.99 4.22
CA ASP A 179 -3.00 -7.86 5.14
C ASP A 179 -2.34 -6.65 4.46
N LEU A 180 -1.33 -6.88 3.64
CA LEU A 180 -0.60 -5.82 2.96
C LEU A 180 -1.53 -5.11 1.95
N LEU A 181 -2.44 -5.86 1.35
CA LEU A 181 -3.36 -5.34 0.36
C LEU A 181 -4.34 -4.37 1.00
N ALA A 182 -4.36 -4.16 2.30
CA ALA A 182 -5.18 -3.08 2.84
C ALA A 182 -4.81 -1.76 2.21
N ALA A 183 -3.60 -1.57 1.68
CA ALA A 183 -3.23 -0.37 0.97
C ALA A 183 -4.14 -0.10 -0.22
N HIS A 184 -4.77 -1.10 -0.79
CA HIS A 184 -5.71 -0.88 -1.91
C HIS A 184 -6.98 -0.20 -1.40
N SER A 185 -7.13 0.01 -0.09
CA SER A 185 -8.15 0.90 0.45
C SER A 185 -7.85 2.38 0.18
N LEU A 186 -6.64 2.69 -0.28
CA LEU A 186 -6.25 4.08 -0.57
C LEU A 186 -5.70 4.09 -1.98
N ALA A 187 -6.57 3.79 -2.95
CA ALA A 187 -6.00 3.41 -4.23
C ALA A 187 -6.88 3.68 -5.44
N SER A 188 -6.22 3.88 -6.56
CA SER A 188 -6.78 4.04 -7.90
C SER A 188 -5.84 3.39 -8.92
N GLN A 189 -6.30 3.33 -10.17
CA GLN A 189 -5.34 3.05 -11.23
C GLN A 189 -5.22 4.23 -12.19
N GLU A 190 -4.05 4.38 -12.77
CA GLU A 190 -3.83 5.27 -13.88
C GLU A 190 -3.35 4.59 -15.13
N GLY A 191 -2.71 3.44 -15.00
CA GLY A 191 -1.97 2.87 -16.10
C GLY A 191 -2.58 1.63 -16.72
N LEU A 192 -3.62 1.09 -16.11
CA LEU A 192 -4.28 -0.11 -16.60
C LEU A 192 -5.31 0.24 -17.65
N ASN A 193 -6.08 1.30 -17.43
CA ASN A 193 -7.16 1.76 -18.33
C ASN A 193 -7.12 3.29 -18.35
N SER A 194 -6.56 3.80 -19.43
CA SER A 194 -6.29 5.20 -19.67
C SER A 194 -7.56 5.99 -19.90
N ALA A 195 -8.66 5.29 -20.11
CA ALA A 195 -9.93 6.01 -20.35
C ALA A 195 -10.60 6.42 -19.04
N ILE A 196 -10.25 5.83 -17.89
CA ILE A 196 -10.85 6.15 -16.57
C ILE A 196 -9.74 6.38 -15.56
N PHE A 197 -8.98 7.44 -15.81
CA PHE A 197 -7.79 7.78 -15.00
C PHE A 197 -8.18 8.01 -13.56
N ARG A 198 -7.46 7.41 -12.63
CA ARG A 198 -7.66 7.49 -11.19
C ARG A 198 -9.01 6.95 -10.74
N SER A 199 -9.56 5.99 -11.50
CA SER A 199 -10.71 5.24 -11.03
C SER A 199 -10.38 4.53 -9.74
N PRO A 200 -11.07 4.76 -8.62
CA PRO A 200 -10.69 4.09 -7.35
C PRO A 200 -10.90 2.60 -7.30
N LEU A 201 -10.13 1.95 -6.44
CA LEU A 201 -10.30 0.52 -6.14
C LEU A 201 -11.33 0.30 -5.05
N ASP A 202 -11.67 1.32 -4.27
CA ASP A 202 -12.75 1.20 -3.31
C ASP A 202 -13.47 2.56 -3.28
N SER A 203 -14.64 2.66 -2.68
CA SER A 203 -15.47 3.82 -2.67
C SER A 203 -14.91 4.94 -1.79
N THR A 204 -13.87 4.66 -1.02
CA THR A 204 -13.27 5.64 -0.13
C THR A 204 -11.76 5.70 -0.28
N PRO A 205 -11.25 6.16 -1.41
CA PRO A 205 -9.81 6.15 -1.60
C PRO A 205 -9.04 7.14 -0.76
N GLN A 206 -9.74 7.96 0.04
CA GLN A 206 -9.07 8.81 0.98
C GLN A 206 -9.39 8.41 2.40
N VAL A 207 -9.90 7.20 2.64
CA VAL A 207 -10.11 6.68 3.98
C VAL A 207 -9.57 5.26 4.05
N PHE A 208 -8.69 5.05 5.04
CA PHE A 208 -8.06 3.77 5.27
C PHE A 208 -9.05 2.92 6.07
N ASP A 209 -9.84 2.13 5.40
CA ASP A 209 -11.00 1.43 5.92
C ASP A 209 -11.15 0.07 5.22
N THR A 210 -12.16 -0.68 5.64
CA THR A 210 -12.37 -2.02 5.10
C THR A 210 -13.15 -2.03 3.79
N GLN A 211 -13.51 -0.89 3.19
CA GLN A 211 -14.38 -0.89 2.03
C GLN A 211 -13.76 -1.73 0.92
N PHE A 212 -12.44 -1.67 0.72
CA PHE A 212 -11.80 -2.45 -0.33
C PHE A 212 -12.14 -3.94 -0.24
N TYR A 213 -12.09 -4.50 0.97
CA TYR A 213 -12.33 -5.91 1.12
C TYR A 213 -13.79 -6.26 0.88
N ILE A 214 -14.68 -5.38 1.31
CA ILE A 214 -16.10 -5.58 1.04
C ILE A 214 -16.44 -5.50 -0.43
N GLU A 215 -15.93 -4.45 -1.07
CA GLU A 215 -16.42 -4.16 -2.42
C GLU A 215 -15.82 -5.07 -3.49
N THR A 216 -14.64 -5.61 -3.25
CA THR A 216 -14.07 -6.56 -4.18
C THR A 216 -14.82 -7.86 -4.18
N LEU A 217 -15.57 -8.14 -3.09
CA LEU A 217 -16.37 -9.36 -2.97
C LEU A 217 -17.73 -9.22 -3.59
N LEU A 218 -18.18 -8.02 -3.94
CA LEU A 218 -19.45 -7.86 -4.62
C LEU A 218 -19.41 -8.48 -6.01
N LYS A 219 -20.55 -8.96 -6.44
CA LYS A 219 -20.66 -9.49 -7.79
C LYS A 219 -20.18 -8.47 -8.82
N GLY A 220 -19.36 -8.88 -9.82
CA GLY A 220 -18.97 -7.93 -10.84
C GLY A 220 -20.06 -7.72 -11.86
N THR A 221 -20.57 -6.50 -11.96
CA THR A 221 -21.66 -6.21 -12.86
C THR A 221 -21.41 -5.12 -13.89
N THR A 222 -20.44 -4.26 -13.63
CA THR A 222 -20.25 -2.98 -14.25
C THR A 222 -18.92 -2.88 -14.97
N GLN A 223 -18.95 -2.36 -16.17
CA GLN A 223 -17.74 -2.01 -16.89
C GLN A 223 -17.60 -0.50 -16.73
N PRO A 224 -16.67 -0.04 -15.92
CA PRO A 224 -16.54 1.41 -15.69
C PRO A 224 -16.08 2.19 -16.90
N GLY A 225 -15.30 1.68 -17.84
CA GLY A 225 -14.79 2.44 -18.95
C GLY A 225 -15.37 1.92 -20.24
N PRO A 226 -15.00 2.54 -21.35
CA PRO A 226 -15.53 2.15 -22.66
C PRO A 226 -15.02 0.83 -23.20
N SER A 227 -13.91 0.36 -22.71
CA SER A 227 -13.31 -0.93 -22.99
C SER A 227 -12.56 -1.32 -21.71
N LEU A 228 -12.00 -2.53 -21.76
CA LEU A 228 -11.22 -3.04 -20.64
C LEU A 228 -9.74 -2.72 -20.81
N GLY A 229 -9.13 -2.43 -19.67
CA GLY A 229 -7.67 -2.24 -19.68
C GLY A 229 -7.02 -3.55 -19.32
N PHE A 230 -5.70 -3.47 -19.09
CA PHE A 230 -4.92 -4.64 -18.75
C PHE A 230 -5.33 -5.17 -17.38
N ALA A 231 -5.62 -6.45 -17.25
CA ALA A 231 -5.96 -7.14 -16.02
C ALA A 231 -7.19 -6.57 -15.33
N GLU A 232 -8.08 -6.00 -16.12
CA GLU A 232 -9.31 -5.41 -15.59
C GLU A 232 -10.43 -6.44 -15.59
N GLU A 233 -11.23 -6.42 -14.58
CA GLU A 233 -12.42 -7.24 -14.39
C GLU A 233 -13.63 -6.35 -14.15
N LEU A 234 -14.84 -6.87 -14.35
CA LEU A 234 -16.06 -6.12 -14.05
C LEU A 234 -16.06 -5.72 -12.58
N SER A 235 -16.55 -4.54 -12.24
CA SER A 235 -16.59 -3.98 -10.89
C SER A 235 -18.04 -3.91 -10.44
N PRO A 236 -18.30 -3.52 -9.21
CA PRO A 236 -19.70 -3.52 -8.78
C PRO A 236 -20.45 -2.23 -9.01
N PHE A 237 -19.81 -1.15 -9.46
CA PHE A 237 -20.59 0.05 -9.78
C PHE A 237 -19.75 1.04 -10.56
N PRO A 238 -20.37 1.99 -11.25
CA PRO A 238 -19.70 2.98 -12.08
C PRO A 238 -18.61 3.68 -11.28
N GLY A 239 -17.49 3.92 -11.97
CA GLY A 239 -16.39 4.63 -11.37
C GLY A 239 -15.39 3.76 -10.67
N GLU A 240 -15.75 2.61 -10.16
CA GLU A 240 -14.85 1.69 -9.48
C GLU A 240 -14.17 0.74 -10.47
N PHE A 241 -12.88 0.56 -10.32
CA PHE A 241 -12.03 -0.33 -11.05
C PHE A 241 -11.75 -1.57 -10.21
N ARG A 242 -11.75 -2.72 -10.89
CA ARG A 242 -11.37 -3.98 -10.23
C ARG A 242 -10.28 -4.68 -11.01
N MET A 243 -9.14 -4.93 -10.38
CA MET A 243 -8.05 -5.63 -11.06
C MET A 243 -8.23 -7.10 -10.77
N ARG A 244 -7.75 -7.90 -11.71
CA ARG A 244 -7.97 -9.34 -11.66
C ARG A 244 -7.35 -9.97 -10.42
N SER A 245 -6.13 -9.57 -10.03
CA SER A 245 -5.48 -10.15 -8.89
C SER A 245 -6.35 -9.98 -7.62
N ASP A 246 -6.92 -8.80 -7.43
CA ASP A 246 -7.75 -8.52 -6.25
C ASP A 246 -8.99 -9.37 -6.33
N ALA A 247 -9.63 -9.43 -7.48
CA ALA A 247 -10.80 -10.28 -7.62
C ALA A 247 -10.54 -11.75 -7.27
N LEU A 248 -9.40 -12.22 -7.76
CA LEU A 248 -9.05 -13.62 -7.56
C LEU A 248 -8.68 -13.87 -6.09
N LEU A 249 -7.93 -12.97 -5.47
CA LEU A 249 -7.48 -13.18 -4.10
C LEU A 249 -8.68 -13.18 -3.15
N ALA A 250 -9.68 -12.35 -3.46
CA ALA A 250 -10.88 -12.23 -2.62
C ALA A 250 -11.63 -13.57 -2.54
N ARG A 251 -11.56 -14.35 -3.61
CA ARG A 251 -12.32 -15.53 -3.84
C ARG A 251 -11.54 -16.81 -3.70
N ASP A 252 -10.22 -16.77 -3.71
CA ASP A 252 -9.44 -17.99 -3.67
C ASP A 252 -9.44 -18.63 -2.30
N SER A 253 -9.62 -19.96 -2.23
CA SER A 253 -9.68 -20.65 -0.94
C SER A 253 -8.47 -20.38 -0.08
N ARG A 254 -7.33 -20.00 -0.62
CA ARG A 254 -6.13 -19.79 0.17
C ARG A 254 -6.11 -18.43 0.86
N THR A 255 -6.92 -17.51 0.41
CA THR A 255 -6.90 -16.14 0.93
C THR A 255 -8.26 -15.62 1.31
N ALA A 256 -9.37 -16.31 0.96
CA ALA A 256 -10.68 -15.77 1.15
C ALA A 256 -11.10 -15.61 2.61
N CYS A 257 -10.69 -16.49 3.51
CA CYS A 257 -11.16 -16.30 4.89
C CYS A 257 -10.47 -15.10 5.51
N ARG A 258 -9.18 -14.90 5.26
CA ARG A 258 -8.56 -13.68 5.82
C ARG A 258 -9.22 -12.43 5.21
N TRP A 259 -9.41 -12.48 3.88
CA TRP A 259 -10.08 -11.37 3.16
C TRP A 259 -11.43 -11.02 3.82
N GLN A 260 -12.22 -12.05 4.06
CA GLN A 260 -13.55 -11.83 4.67
C GLN A 260 -13.42 -11.30 6.08
N SER A 261 -12.42 -11.76 6.83
CA SER A 261 -12.27 -11.34 8.23
C SER A 261 -11.85 -9.87 8.33
N MET A 262 -11.40 -9.28 7.22
CA MET A 262 -11.06 -7.87 7.19
C MET A 262 -12.28 -6.98 7.05
N THR A 263 -13.42 -7.48 6.68
CA THR A 263 -14.50 -6.62 6.25
C THR A 263 -15.16 -5.80 7.37
N SER A 264 -15.24 -6.30 8.60
CA SER A 264 -16.06 -5.65 9.63
C SER A 264 -15.28 -4.80 10.62
N SER A 265 -13.95 -4.92 10.63
CA SER A 265 -13.23 -4.22 11.69
C SER A 265 -12.09 -3.39 11.13
N ASN A 266 -12.23 -2.08 11.09
CA ASN A 266 -11.13 -1.20 10.73
C ASN A 266 -9.96 -1.38 11.71
N GLU A 267 -10.25 -1.67 12.96
CA GLU A 267 -9.24 -1.67 14.00
C GLU A 267 -8.36 -2.92 13.82
N VAL A 268 -8.94 -4.10 13.53
CA VAL A 268 -8.12 -5.30 13.32
C VAL A 268 -7.38 -5.15 11.99
N MET A 269 -8.03 -4.59 10.96
CA MET A 269 -7.34 -4.40 9.71
C MET A 269 -6.11 -3.52 9.89
N GLY A 270 -6.20 -2.44 10.66
CA GLY A 270 -5.09 -1.52 10.83
C GLY A 270 -3.93 -2.21 11.57
N GLN A 271 -4.22 -3.01 12.60
CA GLN A 271 -3.22 -3.70 13.32
C GLN A 271 -2.45 -4.66 12.41
N ARG A 272 -3.20 -5.46 11.64
CA ARG A 272 -2.60 -6.43 10.75
C ARG A 272 -1.75 -5.74 9.70
N TYR A 273 -2.25 -4.65 9.12
CA TYR A 273 -1.48 -3.92 8.13
C TYR A 273 -0.22 -3.34 8.75
N ARG A 274 -0.34 -2.75 9.96
CA ARG A 274 0.85 -2.18 10.61
C ARG A 274 1.91 -3.26 10.78
N ALA A 275 1.51 -4.45 11.21
CA ALA A 275 2.48 -5.50 11.45
C ALA A 275 3.15 -5.96 10.16
N ALA A 276 2.35 -6.12 9.12
CA ALA A 276 2.90 -6.57 7.82
C ALA A 276 3.81 -5.54 7.23
N MET A 277 3.46 -4.26 7.33
CA MET A 277 4.29 -3.17 6.83
C MET A 277 5.63 -3.08 7.59
N ALA A 278 5.59 -3.34 8.91
CA ALA A 278 6.81 -3.39 9.72
C ALA A 278 7.74 -4.49 9.20
N LYS A 279 7.16 -5.63 8.90
CA LYS A 279 7.95 -6.72 8.34
C LYS A 279 8.54 -6.36 7.00
N MET A 280 7.74 -5.79 6.11
CA MET A 280 8.18 -5.44 4.78
C MET A 280 9.26 -4.37 4.81
N SER A 281 9.19 -3.48 5.79
CA SER A 281 10.07 -2.33 5.88
C SER A 281 11.53 -2.70 6.16
N VAL A 282 11.77 -3.95 6.56
CA VAL A 282 13.12 -4.34 6.90
C VAL A 282 13.54 -5.57 6.10
N LEU A 283 12.89 -5.87 4.99
CA LEU A 283 13.47 -6.86 4.09
C LEU A 283 14.82 -6.33 3.67
N GLY A 284 15.83 -7.15 3.85
CA GLY A 284 17.23 -6.88 3.52
C GLY A 284 18.00 -6.28 4.67
N PHE A 285 17.40 -6.09 5.84
CA PHE A 285 17.96 -5.47 7.01
C PHE A 285 17.67 -6.19 8.31
N ASP A 286 18.53 -5.94 9.29
CA ASP A 286 18.29 -6.36 10.66
C ASP A 286 17.60 -5.25 11.44
N ARG A 287 16.33 -5.37 11.84
CA ARG A 287 15.63 -4.28 12.50
C ARG A 287 16.35 -3.90 13.79
N ASN A 288 17.03 -4.85 14.41
CA ASN A 288 17.73 -4.58 15.66
C ASN A 288 18.95 -3.69 15.45
N ALA A 289 19.41 -3.49 14.23
CA ALA A 289 20.53 -2.59 13.94
C ALA A 289 20.06 -1.19 13.59
N LEU A 290 18.74 -1.01 13.58
CA LEU A 290 18.14 0.28 13.23
C LEU A 290 17.69 1.03 14.48
N THR A 291 17.42 2.31 14.41
CA THR A 291 16.99 3.12 15.52
C THR A 291 15.51 3.42 15.36
N ASP A 292 14.70 3.23 16.40
CA ASP A 292 13.25 3.46 16.34
C ASP A 292 12.96 4.93 16.52
N CYS A 293 12.47 5.58 15.48
CA CYS A 293 12.01 6.97 15.47
C CYS A 293 10.52 7.04 15.18
N SER A 294 9.77 6.02 15.59
CA SER A 294 8.32 5.97 15.43
C SER A 294 7.62 7.18 16.06
N ASP A 295 8.22 7.79 17.08
CA ASP A 295 7.62 8.95 17.73
C ASP A 295 7.57 10.19 16.84
N VAL A 296 8.31 10.23 15.75
CA VAL A 296 8.22 11.32 14.81
C VAL A 296 6.89 11.27 14.02
N ILE A 297 6.26 10.09 13.97
CA ILE A 297 5.09 9.85 13.16
C ILE A 297 3.86 10.13 14.02
N PRO A 298 3.06 11.07 13.61
CA PRO A 298 1.87 11.40 14.41
C PRO A 298 0.75 10.44 14.11
N SER A 299 -0.23 10.57 14.99
CA SER A 299 -1.42 9.78 14.69
C SER A 299 -2.24 10.53 13.65
N ALA A 300 -2.92 9.72 12.86
CA ALA A 300 -3.88 10.17 11.90
C ALA A 300 -5.19 10.56 12.56
N VAL A 301 -5.93 11.42 11.88
CA VAL A 301 -7.29 11.72 12.31
C VAL A 301 -8.07 10.42 12.30
N SER A 302 -8.88 10.19 13.32
CA SER A 302 -9.69 8.98 13.34
C SER A 302 -10.82 9.00 12.30
N ASN A 303 -11.15 7.78 11.85
CA ASN A 303 -12.26 7.55 10.94
C ASN A 303 -13.48 7.10 11.74
N ASN A 304 -14.58 7.85 11.74
CA ASN A 304 -15.81 7.58 12.50
C ASN A 304 -16.85 6.85 11.68
N ALA A 305 -16.60 6.63 10.39
CA ALA A 305 -17.59 5.93 9.56
C ALA A 305 -17.59 4.41 9.75
N ALA A 306 -18.74 3.76 9.73
CA ALA A 306 -18.94 2.31 9.84
C ALA A 306 -18.76 1.65 8.48
N PRO A 307 -18.27 0.43 8.45
CA PRO A 307 -18.30 -0.36 7.20
C PRO A 307 -19.69 -0.43 6.63
N VAL A 308 -19.72 -0.42 5.29
CA VAL A 308 -21.06 -0.48 4.66
C VAL A 308 -20.99 -1.22 3.32
N ILE A 309 -22.07 -1.89 2.97
CA ILE A 309 -22.26 -2.39 1.61
C ILE A 309 -22.89 -1.26 0.80
N PRO A 310 -22.21 -0.68 -0.18
CA PRO A 310 -22.81 0.50 -0.81
C PRO A 310 -24.03 0.26 -1.70
N GLY A 311 -24.75 1.32 -1.97
CA GLY A 311 -25.65 1.49 -3.07
C GLY A 311 -26.89 0.66 -3.21
N GLY A 312 -27.38 0.16 -2.10
CA GLY A 312 -28.57 -0.70 -2.11
C GLY A 312 -28.23 -2.13 -2.40
N LEU A 313 -26.97 -2.45 -2.57
CA LEU A 313 -26.57 -3.86 -2.69
C LEU A 313 -26.75 -4.46 -1.30
N THR A 314 -26.83 -5.80 -1.25
CA THR A 314 -26.95 -6.49 0.01
C THR A 314 -25.94 -7.62 0.11
N VAL A 315 -25.99 -8.35 1.22
CA VAL A 315 -25.16 -9.52 1.36
C VAL A 315 -25.45 -10.53 0.25
N ASP A 316 -26.63 -10.49 -0.36
CA ASP A 316 -26.85 -11.40 -1.49
C ASP A 316 -25.98 -11.05 -2.71
N ASP A 317 -25.45 -9.83 -2.80
CA ASP A 317 -24.51 -9.44 -3.86
C ASP A 317 -23.05 -9.77 -3.57
N ILE A 318 -22.76 -10.22 -2.34
CA ILE A 318 -21.44 -10.65 -1.92
C ILE A 318 -21.24 -12.10 -2.31
N GLU A 319 -20.16 -12.35 -3.02
CA GLU A 319 -19.82 -13.72 -3.33
C GLU A 319 -19.06 -14.29 -2.14
N VAL A 320 -19.80 -14.76 -1.14
CA VAL A 320 -19.15 -15.24 0.08
C VAL A 320 -18.22 -16.39 -0.23
N SER A 321 -16.93 -16.28 0.10
CA SER A 321 -15.90 -17.19 -0.41
C SER A 321 -15.13 -17.90 0.70
N CYS A 322 -15.49 -17.63 1.95
CA CYS A 322 -14.92 -18.32 3.08
C CYS A 322 -15.97 -19.33 3.52
N PRO A 323 -15.69 -20.60 3.19
CA PRO A 323 -16.72 -21.61 3.30
C PRO A 323 -17.09 -21.99 4.74
N SER A 324 -16.32 -21.54 5.74
CA SER A 324 -16.52 -21.93 7.13
C SER A 324 -17.04 -20.83 8.05
N GLU A 325 -17.21 -19.61 7.54
CA GLU A 325 -17.52 -18.50 8.39
C GLU A 325 -18.68 -17.71 7.80
N PRO A 326 -19.71 -17.39 8.55
CA PRO A 326 -20.76 -16.55 7.95
C PRO A 326 -20.22 -15.18 7.59
N PHE A 327 -20.76 -14.53 6.55
CA PHE A 327 -20.35 -13.16 6.23
C PHE A 327 -20.74 -12.22 7.36
N PRO A 328 -19.86 -11.33 7.82
CA PRO A 328 -20.23 -10.41 8.90
C PRO A 328 -21.46 -9.53 8.60
N GLU A 329 -22.16 -9.16 9.66
CA GLU A 329 -23.31 -8.27 9.63
C GLU A 329 -22.78 -6.86 9.41
N ILE A 330 -22.92 -6.42 8.18
CA ILE A 330 -22.45 -5.12 7.70
C ILE A 330 -23.65 -4.32 7.21
N ALA A 331 -23.70 -3.05 7.58
CA ALA A 331 -24.82 -2.18 7.25
C ALA A 331 -24.92 -2.00 5.74
N THR A 332 -26.16 -1.81 5.24
CA THR A 332 -26.38 -1.58 3.83
C THR A 332 -26.73 -0.11 3.68
N ALA A 333 -26.95 0.31 2.45
CA ALA A 333 -27.27 1.74 2.29
C ALA A 333 -28.52 1.86 1.44
N SER A 334 -28.89 3.11 1.14
CA SER A 334 -29.96 3.31 0.16
C SER A 334 -29.42 3.15 -1.24
N GLY A 335 -30.24 2.70 -2.20
CA GLY A 335 -29.80 2.82 -3.59
C GLY A 335 -29.90 4.31 -3.91
N PRO A 336 -29.59 4.72 -5.12
CA PRO A 336 -29.14 3.78 -6.15
C PRO A 336 -27.64 3.51 -5.99
N LEU A 337 -27.07 2.82 -6.96
CA LEU A 337 -25.65 2.49 -6.98
C LEU A 337 -24.87 3.81 -7.02
N PRO A 338 -23.74 3.88 -6.36
CA PRO A 338 -22.94 5.09 -6.50
C PRO A 338 -22.19 5.14 -7.82
N SER A 339 -21.69 6.31 -8.16
CA SER A 339 -20.70 6.47 -9.23
C SER A 339 -19.49 7.14 -8.60
N LEU A 340 -18.36 6.43 -8.60
CA LEU A 340 -17.20 6.96 -7.89
C LEU A 340 -16.55 8.05 -8.78
N ALA A 341 -16.32 9.19 -8.14
CA ALA A 341 -15.47 10.25 -8.70
C ALA A 341 -14.04 9.72 -8.80
N PRO A 342 -13.24 10.26 -9.71
CA PRO A 342 -11.79 9.90 -9.72
C PRO A 342 -11.17 10.20 -8.35
N ALA A 343 -10.22 9.36 -7.93
CA ALA A 343 -9.53 9.65 -6.68
C ALA A 343 -8.79 10.96 -6.84
N PRO A 344 -8.70 11.83 -5.84
CA PRO A 344 -8.03 13.13 -6.04
C PRO A 344 -6.54 12.94 -6.26
C1 NAG B . 22.58 8.04 -1.80
C2 NAG B . 23.23 9.45 -1.58
C3 NAG B . 22.74 10.28 -2.77
C4 NAG B . 23.20 9.63 -4.05
C5 NAG B . 22.74 8.14 -4.19
C6 NAG B . 23.46 7.50 -5.33
C7 NAG B . 23.38 10.15 0.76
C8 NAG B . 22.66 10.58 1.94
N2 NAG B . 22.63 10.03 -0.36
O3 NAG B . 23.32 11.59 -2.68
O4 NAG B . 22.50 10.27 -5.14
O5 NAG B . 23.22 7.49 -2.96
O6 NAG B . 24.84 7.57 -5.10
O6 NAG B . 23.07 6.17 -5.41
O7 NAG B . 24.51 9.84 0.77
C1 NAG B . 23.28 11.18 -5.94
C2 NAG B . 22.32 11.52 -7.11
C3 NAG B . 23.00 12.61 -7.98
C4 NAG B . 23.45 13.78 -7.10
C5 NAG B . 24.30 13.27 -5.90
C6 NAG B . 24.84 14.27 -4.96
C7 NAG B . 21.05 9.57 -7.88
C8 NAG B . 20.99 8.43 -8.79
N2 NAG B . 22.16 10.35 -7.97
O3 NAG B . 21.98 13.09 -8.87
O4 NAG B . 24.30 14.59 -7.94
O5 NAG B . 23.45 12.33 -5.15
O6 NAG B . 23.76 14.91 -4.29
O7 NAG B . 20.14 9.89 -7.23
C1 MAN C . -20.36 8.20 -12.64
C2 MAN C . -19.46 7.62 -13.66
C3 MAN C . -17.95 7.67 -13.26
C4 MAN C . -17.60 9.07 -12.85
C5 MAN C . -18.53 9.61 -11.80
C6 MAN C . -18.31 11.13 -11.61
O2 MAN C . -19.57 8.41 -14.85
O3 MAN C . -17.05 7.23 -14.27
O4 MAN C . -16.29 9.12 -12.24
O5 MAN C . -19.94 9.51 -12.15
O6 MAN C . -19.17 11.73 -10.63
CA CA D . 14.76 -2.23 -3.42
CA CA E . -10.88 3.09 1.48
CHA HEM F . -2.22 0.38 -7.29
CHB HEM F . -1.21 -4.25 -8.32
CHC HEM F . -0.07 -4.96 -3.69
CHD HEM F . -0.30 -0.20 -2.90
C1A HEM F . -2.04 -0.82 -8.00
C2A HEM F . -2.09 -0.97 -9.44
C3A HEM F . -1.73 -2.24 -9.72
C4A HEM F . -1.48 -2.90 -8.45
CMA HEM F . -1.71 -2.93 -11.07
CAA HEM F . -2.51 0.16 -10.35
CBA HEM F . -1.36 1.09 -10.70
CGA HEM F . -1.78 2.03 -11.81
O1A HEM F . -1.74 3.27 -11.62
O2A HEM F . -2.13 1.59 -12.89
C1B HEM F . -0.87 -4.88 -7.13
C2B HEM F . -0.63 -6.29 -6.98
C3B HEM F . -0.45 -6.56 -5.63
C4B HEM F . -0.44 -5.21 -5.02
CMB HEM F . -0.76 -7.27 -8.11
CAB HEM F . -0.09 -7.80 -5.05
CBB HEM F . -0.87 -9.00 -4.96
CBB HEM F . -0.36 -8.25 -3.73
C1C HEM F . 0.07 -3.71 -3.09
C2C HEM F . 0.74 -3.48 -1.83
C3C HEM F . 0.75 -2.11 -1.62
C4C HEM F . 0.04 -1.55 -2.78
CMC HEM F . 1.35 -4.54 -0.94
CAC HEM F . 1.36 -1.32 -0.63
CBC HEM F . 1.43 -1.68 0.76
C1D HEM F . -1.07 0.31 -3.94
C2D HEM F . -1.66 1.63 -4.01
C3D HEM F . -2.13 1.80 -5.27
C4D HEM F . -1.92 0.59 -5.96
CMD HEM F . -1.68 2.63 -2.89
CAD HEM F . -2.84 3.05 -5.76
CBD HEM F . -1.95 3.96 -6.65
CGD HEM F . -2.66 5.20 -7.14
O1D HEM F . -1.97 5.94 -7.87
O2D HEM F . -3.80 5.48 -6.72
NA HEM F . -1.56 -1.99 -7.40
NB HEM F . -0.72 -4.21 -5.93
NC HEM F . -0.31 -2.52 -3.71
ND HEM F . -1.31 -0.35 -5.14
FE HEM F . -1.00 -2.27 -5.52
N NO G . 0.84 -1.97 -6.10
O NO G . 1.68 -1.36 -5.46
#